data_6PU9
#
_entry.id   6PU9
#
_cell.length_a   71.457
_cell.length_b   71.457
_cell.length_c   108.635
_cell.angle_alpha   90.000
_cell.angle_beta   90.000
_cell.angle_gamma   120.000
#
_symmetry.space_group_name_H-M   'P 31'
#
loop_
_entity.id
_entity.type
_entity.pdbx_description
1 polymer Acetyltransferase
2 non-polymer 1,2-ETHANEDIOL
3 non-polymer 'CHLORIDE ION'
4 water water
#
_entity_poly.entity_id   1
_entity_poly.type   'polypeptide(L)'
_entity_poly.pdbx_seq_one_letter_code
;SNAMNYFDSPFSGKPIQEQITNPNIIVGRHSYYSGYYHGHGFDDCVRYLNPERNDVDKLIIGSFCSVGSGAVFMMAGNQG
HRTDWVSTFPFFYQQNPNFSEAKDGFVRAGDTRIGHDVWIGSEAMIMPGVTIGDGAIIASRAVVTKDVAPYEVVGSNPAK
HIKFRFSPQEIEMLQEMQWWQWSDEQLGQCMALMCSADIEGLYLWWKQSQ
;
_entity_poly.pdbx_strand_id   A,B,C
#
loop_
_chem_comp.id
_chem_comp.type
_chem_comp.name
_chem_comp.formula
CL non-polymer 'CHLORIDE ION' 'Cl -1'
EDO non-polymer 1,2-ETHANEDIOL 'C2 H6 O2'
#
# COMPACT_ATOMS: atom_id res chain seq x y z
N SER A 9 -12.85 -15.52 -6.54
CA SER A 9 -13.76 -15.20 -5.45
C SER A 9 -14.11 -13.72 -5.16
N PRO A 10 -13.74 -12.75 -6.01
CA PRO A 10 -14.11 -11.36 -5.72
C PRO A 10 -15.54 -11.05 -6.10
N PHE A 11 -16.24 -11.98 -6.76
N PHE A 11 -16.25 -11.99 -6.71
CA PHE A 11 -17.59 -11.70 -7.25
CA PHE A 11 -17.59 -11.73 -7.22
C PHE A 11 -18.61 -11.73 -6.12
C PHE A 11 -18.64 -11.73 -6.11
N SER A 12 -18.37 -12.56 -5.10
N SER A 12 -18.46 -12.55 -5.07
CA SER A 12 -19.20 -12.55 -3.90
CA SER A 12 -19.46 -12.64 -4.02
C SER A 12 -18.32 -12.81 -2.69
C SER A 12 -18.90 -12.72 -2.61
N GLY A 13 -18.81 -13.59 -1.73
N GLY A 13 -17.60 -13.00 -2.41
CA GLY A 13 -18.08 -13.93 -0.54
CA GLY A 13 -16.96 -13.00 -1.12
C GLY A 13 -18.94 -13.78 0.69
C GLY A 13 -17.76 -13.58 0.03
N LYS A 14 -18.29 -13.82 1.84
N LYS A 14 -17.89 -12.81 1.12
CA LYS A 14 -19.00 -13.75 3.10
CA LYS A 14 -18.70 -13.19 2.26
C LYS A 14 -19.57 -12.36 3.32
C LYS A 14 -19.39 -11.95 2.82
N PRO A 15 -20.90 -12.21 3.44
N PRO A 15 -20.67 -12.05 3.19
CA PRO A 15 -21.46 -10.89 3.71
CA PRO A 15 -21.41 -10.87 3.65
C PRO A 15 -20.97 -10.33 5.02
C PRO A 15 -20.85 -10.34 4.97
N ILE A 16 -20.65 -9.03 5.03
CA ILE A 16 -19.99 -8.42 6.17
C ILE A 16 -20.83 -8.55 7.44
N GLN A 17 -22.15 -8.37 7.31
CA GLN A 17 -23.05 -8.38 8.46
C GLN A 17 -22.88 -9.61 9.34
N GLU A 18 -22.56 -10.75 8.74
CA GLU A 18 -22.47 -12.00 9.47
C GLU A 18 -21.09 -12.26 10.08
N GLN A 19 -20.07 -11.48 9.71
CA GLN A 19 -18.71 -11.76 10.13
C GLN A 19 -18.10 -10.65 10.98
N ILE A 20 -18.92 -9.76 11.54
CA ILE A 20 -18.44 -8.72 12.43
C ILE A 20 -19.02 -8.98 13.83
N THR A 21 -18.21 -8.69 14.84
CA THR A 21 -18.64 -8.73 16.23
C THR A 21 -18.53 -7.37 16.91
N ASN A 22 -17.84 -6.42 16.30
CA ASN A 22 -17.60 -5.13 16.92
C ASN A 22 -18.85 -4.26 16.87
N PRO A 23 -19.45 -3.90 18.02
CA PRO A 23 -20.69 -3.11 17.99
C PRO A 23 -20.52 -1.76 17.31
N ASN A 24 -19.29 -1.28 17.13
CA ASN A 24 -19.03 0.01 16.52
C ASN A 24 -18.91 -0.09 15.01
N ILE A 25 -19.16 -1.26 14.43
CA ILE A 25 -19.24 -1.44 12.99
C ILE A 25 -20.70 -1.76 12.66
N ILE A 26 -21.32 -0.89 11.86
CA ILE A 26 -22.71 -1.03 11.45
C ILE A 26 -22.72 -1.13 9.94
N VAL A 27 -23.29 -2.21 9.39
CA VAL A 27 -23.21 -2.43 7.95
C VAL A 27 -24.54 -2.94 7.40
N GLY A 28 -24.92 -2.41 6.25
CA GLY A 28 -26.19 -2.74 5.63
C GLY A 28 -26.19 -4.11 4.99
N ARG A 29 -27.34 -4.48 4.44
CA ARG A 29 -27.52 -5.84 3.93
C ARG A 29 -26.74 -6.04 2.62
N HIS A 30 -26.29 -7.28 2.43
CA HIS A 30 -25.63 -7.78 1.22
C HIS A 30 -24.22 -7.24 1.00
N SER A 31 -23.80 -6.21 1.74
CA SER A 31 -22.44 -5.72 1.59
C SER A 31 -21.46 -6.83 1.95
N TYR A 32 -20.42 -7.01 1.12
CA TYR A 32 -19.51 -8.13 1.29
C TYR A 32 -18.05 -7.69 1.16
N TYR A 33 -17.18 -8.58 1.62
CA TYR A 33 -15.74 -8.38 1.59
C TYR A 33 -15.09 -9.56 0.91
N SER A 34 -14.21 -9.29 -0.04
CA SER A 34 -13.57 -10.35 -0.81
C SER A 34 -12.11 -10.52 -0.36
N GLY A 35 -11.95 -10.95 0.88
CA GLY A 35 -10.65 -11.24 1.44
C GLY A 35 -10.65 -12.47 2.31
N GLY A 41 -10.59 -12.09 7.73
CA GLY A 41 -11.92 -11.59 7.42
C GLY A 41 -12.01 -10.08 7.45
N PHE A 42 -13.23 -9.55 7.45
CA PHE A 42 -13.43 -8.11 7.37
C PHE A 42 -12.93 -7.38 8.62
N ASP A 43 -12.99 -8.03 9.78
CA ASP A 43 -12.55 -7.38 11.01
C ASP A 43 -11.13 -6.87 10.91
N ASP A 44 -10.28 -7.55 10.14
CA ASP A 44 -8.88 -7.13 10.00
C ASP A 44 -8.73 -5.87 9.17
N CYS A 45 -9.77 -5.50 8.41
CA CYS A 45 -9.76 -4.24 7.68
C CYS A 45 -9.86 -3.03 8.59
N VAL A 46 -10.42 -3.18 9.78
CA VAL A 46 -10.78 -2.05 10.63
C VAL A 46 -9.68 -1.88 11.68
N ARG A 47 -9.01 -0.73 11.66
CA ARG A 47 -7.83 -0.48 12.46
C ARG A 47 -8.16 0.43 13.64
N TYR A 48 -7.87 -0.05 14.86
CA TYR A 48 -7.84 0.76 16.07
C TYR A 48 -9.25 1.09 16.58
N LEU A 49 -10.25 0.25 16.28
CA LEU A 49 -11.64 0.49 16.69
C LEU A 49 -11.92 -0.29 17.97
N ASN A 50 -12.14 0.42 19.07
CA ASN A 50 -12.42 -0.21 20.36
C ASN A 50 -13.81 -0.83 20.35
N PRO A 51 -13.95 -2.12 20.62
CA PRO A 51 -15.28 -2.75 20.63
C PRO A 51 -16.04 -2.60 21.94
N GLU A 52 -15.45 -1.97 22.95
CA GLU A 52 -16.04 -1.91 24.28
C GLU A 52 -16.51 -0.52 24.68
N ARG A 53 -16.32 0.49 23.82
CA ARG A 53 -16.67 1.86 24.15
C ARG A 53 -17.72 2.37 23.17
N ASN A 54 -18.73 3.05 23.72
CA ASN A 54 -19.78 3.66 22.90
C ASN A 54 -19.53 5.15 22.69
N ASP A 55 -18.35 5.65 23.06
CA ASP A 55 -18.02 7.07 22.92
C ASP A 55 -16.87 7.26 21.92
N VAL A 56 -16.78 6.38 20.93
CA VAL A 56 -15.72 6.46 19.92
C VAL A 56 -16.36 6.54 18.55
N ASP A 57 -15.56 6.98 17.58
CA ASP A 57 -15.99 7.01 16.19
C ASP A 57 -16.39 5.63 15.74
N LYS A 58 -17.55 5.53 15.09
CA LYS A 58 -18.04 4.28 14.54
C LYS A 58 -17.77 4.21 13.04
N LEU A 59 -17.85 2.99 12.52
CA LEU A 59 -17.72 2.74 11.09
C LEU A 59 -19.09 2.29 10.59
N ILE A 60 -19.70 3.10 9.72
CA ILE A 60 -21.05 2.87 9.20
C ILE A 60 -20.93 2.61 7.72
N ILE A 61 -21.49 1.48 7.27
CA ILE A 61 -21.33 1.02 5.89
C ILE A 61 -22.72 0.74 5.34
N GLY A 62 -23.06 1.38 4.24
CA GLY A 62 -24.37 1.20 3.65
C GLY A 62 -24.54 -0.19 3.06
N SER A 63 -25.74 -0.47 2.58
CA SER A 63 -26.02 -1.74 1.93
C SER A 63 -25.43 -1.80 0.53
N PHE A 64 -25.26 -3.03 0.04
CA PHE A 64 -24.91 -3.29 -1.36
C PHE A 64 -23.50 -2.76 -1.70
N CYS A 65 -22.64 -2.68 -0.69
CA CYS A 65 -21.25 -2.29 -0.92
C CYS A 65 -20.38 -3.50 -1.24
N SER A 66 -19.31 -3.24 -1.99
CA SER A 66 -18.31 -4.24 -2.35
C SER A 66 -16.96 -3.74 -1.85
N VAL A 67 -16.34 -4.50 -0.95
CA VAL A 67 -15.07 -4.09 -0.36
C VAL A 67 -13.97 -5.04 -0.80
N GLY A 68 -12.94 -4.49 -1.43
CA GLY A 68 -11.86 -5.31 -1.96
C GLY A 68 -10.89 -5.76 -0.89
N SER A 69 -10.14 -6.82 -1.23
N SER A 69 -10.13 -6.81 -1.23
CA SER A 69 -9.23 -7.44 -0.28
CA SER A 69 -9.23 -7.43 -0.27
C SER A 69 -8.23 -6.44 0.28
C SER A 69 -8.23 -6.44 0.28
N GLY A 70 -8.02 -6.49 1.59
CA GLY A 70 -7.00 -5.69 2.23
C GLY A 70 -7.29 -4.21 2.34
N ALA A 71 -8.51 -3.78 2.05
CA ALA A 71 -8.90 -2.40 2.35
C ALA A 71 -8.73 -2.12 3.84
N VAL A 72 -8.45 -0.86 4.18
CA VAL A 72 -8.24 -0.45 5.56
C VAL A 72 -9.10 0.76 5.89
N PHE A 73 -9.81 0.69 7.02
CA PHE A 73 -10.61 1.80 7.54
C PHE A 73 -9.92 2.26 8.82
N MET A 74 -9.26 3.42 8.76
CA MET A 74 -8.53 3.95 9.90
C MET A 74 -9.50 4.58 10.89
N MET A 75 -9.53 4.05 12.11
CA MET A 75 -10.38 4.57 13.17
C MET A 75 -9.48 5.20 14.24
N ALA A 76 -10.10 5.52 15.38
CA ALA A 76 -9.44 6.12 16.54
C ALA A 76 -8.85 7.50 16.26
N GLY A 77 -9.38 8.22 15.27
CA GLY A 77 -9.07 9.64 15.16
C GLY A 77 -7.57 9.89 15.05
N ASN A 78 -7.07 10.85 15.79
CA ASN A 78 -5.66 11.15 15.74
C ASN A 78 -4.81 10.22 16.60
N GLN A 79 -5.39 9.18 17.19
CA GLN A 79 -4.64 8.21 18.01
C GLN A 79 -3.85 8.90 19.13
N GLY A 80 -4.34 10.04 19.60
CA GLY A 80 -3.70 10.74 20.71
C GLY A 80 -2.54 11.64 20.34
N HIS A 81 -2.21 11.75 19.05
CA HIS A 81 -1.08 12.51 18.55
C HIS A 81 -1.52 13.91 18.18
N ARG A 82 -0.97 14.94 18.85
CA ARG A 82 -1.32 16.33 18.56
C ARG A 82 -0.18 16.98 17.79
N THR A 83 -0.41 17.20 16.49
CA THR A 83 0.61 17.80 15.64
C THR A 83 0.92 19.23 16.05
N ASP A 84 -0.02 19.90 16.73
CA ASP A 84 0.15 21.26 17.21
C ASP A 84 0.83 21.36 18.57
N TRP A 85 1.01 20.24 19.27
CA TRP A 85 1.70 20.25 20.55
C TRP A 85 3.20 20.05 20.30
N VAL A 86 3.99 20.31 21.35
CA VAL A 86 5.45 20.20 21.25
C VAL A 86 5.83 18.86 20.62
N SER A 87 5.30 17.78 21.17
CA SER A 87 5.55 16.42 20.70
C SER A 87 4.25 15.78 20.27
N THR A 88 4.35 14.88 19.30
CA THR A 88 3.23 14.03 18.94
C THR A 88 3.17 12.77 19.79
N PHE A 89 4.13 12.58 20.70
CA PHE A 89 4.14 11.37 21.52
C PHE A 89 3.00 11.45 22.53
N PRO A 90 2.09 10.47 22.57
CA PRO A 90 0.95 10.55 23.50
C PRO A 90 1.34 10.19 24.94
N PHE A 91 1.99 11.16 25.60
CA PHE A 91 2.37 10.97 27.00
C PHE A 91 1.19 10.52 27.84
N PHE A 92 -0.02 11.01 27.52
CA PHE A 92 -1.18 10.73 28.35
C PHE A 92 -1.45 9.24 28.44
N TYR A 93 -1.06 8.49 27.41
CA TYR A 93 -1.44 7.08 27.31
C TYR A 93 -0.31 6.15 27.72
N GLN A 94 0.71 6.67 28.40
CA GLN A 94 1.68 5.83 29.11
C GLN A 94 1.20 5.61 30.53
N GLN A 95 1.46 4.42 31.05
CA GLN A 95 1.19 4.14 32.46
C GLN A 95 2.25 4.76 33.38
N ASN A 96 3.08 5.64 32.85
CA ASN A 96 4.25 6.14 33.56
C ASN A 96 3.85 7.16 34.62
N PRO A 97 4.21 6.96 35.89
CA PRO A 97 3.87 7.95 36.92
C PRO A 97 4.43 9.33 36.64
N ASN A 98 5.56 9.42 35.93
CA ASN A 98 6.17 10.72 35.64
C ASN A 98 5.31 11.56 34.71
N PHE A 99 4.40 10.94 33.95
CA PHE A 99 3.59 11.66 32.98
C PHE A 99 2.16 11.86 33.47
N SER A 100 1.93 11.76 34.79
CA SER A 100 0.58 11.77 35.34
C SER A 100 -0.19 13.05 35.00
N GLU A 101 0.51 14.15 34.75
CA GLU A 101 -0.13 15.43 34.47
C GLU A 101 -0.24 15.71 32.98
N ALA A 102 0.10 14.73 32.13
CA ALA A 102 -0.10 14.88 30.70
C ALA A 102 -1.56 15.21 30.39
N LYS A 103 -1.76 15.93 29.30
CA LYS A 103 -3.10 16.26 28.85
C LYS A 103 -3.49 15.32 27.71
N ASP A 104 -4.75 14.92 27.70
CA ASP A 104 -5.23 13.96 26.72
C ASP A 104 -5.19 14.58 25.33
N GLY A 105 -4.41 13.97 24.43
CA GLY A 105 -4.27 14.47 23.08
C GLY A 105 -5.25 13.91 22.08
N PHE A 106 -6.11 12.99 22.51
CA PHE A 106 -7.01 12.31 21.58
C PHE A 106 -8.03 13.31 21.04
N VAL A 107 -8.22 13.31 19.73
CA VAL A 107 -9.24 14.12 19.09
C VAL A 107 -10.06 13.21 18.18
N ARG A 108 -11.33 13.05 18.49
CA ARG A 108 -12.23 12.28 17.63
C ARG A 108 -12.34 12.92 16.25
N ALA A 109 -12.52 12.08 15.23
CA ALA A 109 -12.65 12.53 13.85
C ALA A 109 -14.09 12.55 13.38
N GLY A 110 -15.00 11.95 14.13
CA GLY A 110 -16.33 11.68 13.62
C GLY A 110 -16.40 10.30 13.01
N ASP A 111 -17.63 9.82 12.84
CA ASP A 111 -17.85 8.51 12.26
C ASP A 111 -17.30 8.45 10.84
N THR A 112 -16.80 7.29 10.46
CA THR A 112 -16.59 6.99 9.05
C THR A 112 -17.89 6.47 8.48
N ARG A 113 -18.39 7.10 7.42
N ARG A 113 -18.42 7.16 7.47
CA ARG A 113 -19.68 6.78 6.83
CA ARG A 113 -19.66 6.75 6.81
C ARG A 113 -19.47 6.45 5.35
C ARG A 113 -19.36 6.41 5.37
N ILE A 114 -19.68 5.19 4.99
CA ILE A 114 -19.62 4.75 3.60
C ILE A 114 -21.06 4.55 3.13
N GLY A 115 -21.39 5.10 1.97
CA GLY A 115 -22.76 5.12 1.51
C GLY A 115 -23.19 3.74 1.01
N HIS A 116 -24.39 3.72 0.44
CA HIS A 116 -24.87 2.53 -0.23
C HIS A 116 -24.22 2.40 -1.60
N ASP A 117 -24.09 1.16 -2.08
CA ASP A 117 -23.63 0.90 -3.45
C ASP A 117 -22.24 1.50 -3.69
N VAL A 118 -21.35 1.36 -2.73
CA VAL A 118 -19.97 1.84 -2.84
C VAL A 118 -19.04 0.67 -3.12
N TRP A 119 -18.19 0.83 -4.11
CA TRP A 119 -17.16 -0.14 -4.47
C TRP A 119 -15.82 0.39 -3.95
N ILE A 120 -15.24 -0.28 -2.95
CA ILE A 120 -13.95 0.12 -2.36
C ILE A 120 -12.89 -0.83 -2.90
N GLY A 121 -11.97 -0.29 -3.70
CA GLY A 121 -10.95 -1.12 -4.32
C GLY A 121 -9.99 -1.76 -3.31
N SER A 122 -9.32 -2.81 -3.79
CA SER A 122 -8.39 -3.57 -2.94
C SER A 122 -7.32 -2.67 -2.36
N GLU A 123 -7.09 -2.79 -1.05
CA GLU A 123 -6.02 -2.12 -0.32
C GLU A 123 -6.14 -0.59 -0.34
N ALA A 124 -7.34 -0.06 -0.63
CA ALA A 124 -7.60 1.35 -0.36
C ALA A 124 -7.57 1.57 1.15
N MET A 125 -7.15 2.78 1.55
CA MET A 125 -7.18 3.17 2.96
C MET A 125 -8.11 4.35 3.13
N ILE A 126 -9.06 4.22 4.05
CA ILE A 126 -10.05 5.25 4.32
C ILE A 126 -9.61 5.92 5.61
N MET A 127 -9.29 7.21 5.55
CA MET A 127 -8.80 7.92 6.72
C MET A 127 -9.96 8.19 7.68
N PRO A 128 -9.66 8.57 8.93
CA PRO A 128 -10.74 8.75 9.91
C PRO A 128 -11.70 9.87 9.52
N GLY A 129 -12.98 9.67 9.86
CA GLY A 129 -13.99 10.70 9.76
C GLY A 129 -14.49 11.02 8.36
N VAL A 130 -14.10 10.24 7.36
CA VAL A 130 -14.43 10.48 5.96
C VAL A 130 -15.85 10.00 5.70
N THR A 131 -16.59 10.74 4.87
CA THR A 131 -17.88 10.30 4.35
C THR A 131 -17.72 10.03 2.86
N ILE A 132 -18.18 8.86 2.41
CA ILE A 132 -18.14 8.48 1.01
C ILE A 132 -19.57 8.32 0.51
N GLY A 133 -19.96 9.14 -0.46
CA GLY A 133 -21.36 9.19 -0.86
C GLY A 133 -21.81 7.93 -1.59
N ASP A 134 -23.14 7.81 -1.70
CA ASP A 134 -23.75 6.69 -2.40
C ASP A 134 -23.17 6.53 -3.79
N GLY A 135 -22.99 5.27 -4.20
CA GLY A 135 -22.57 4.96 -5.55
C GLY A 135 -21.14 5.33 -5.90
N ALA A 136 -20.32 5.75 -4.93
CA ALA A 136 -18.95 6.11 -5.25
C ALA A 136 -18.10 4.88 -5.56
N ILE A 137 -16.97 5.10 -6.22
CA ILE A 137 -15.98 4.07 -6.48
C ILE A 137 -14.62 4.58 -6.00
N ILE A 138 -13.98 3.81 -5.14
CA ILE A 138 -12.65 4.13 -4.61
C ILE A 138 -11.67 3.20 -5.32
N ALA A 139 -10.74 3.76 -6.09
CA ALA A 139 -9.79 2.93 -6.81
C ALA A 139 -8.97 2.13 -5.81
N SER A 140 -8.51 0.95 -6.26
N SER A 140 -8.52 0.95 -6.25
CA SER A 140 -7.55 0.18 -5.46
CA SER A 140 -7.59 0.19 -5.43
C SER A 140 -6.38 1.08 -5.07
C SER A 140 -6.38 1.05 -5.08
N ARG A 141 -5.91 0.91 -3.85
CA ARG A 141 -4.76 1.62 -3.29
C ARG A 141 -4.98 3.13 -3.16
N ALA A 142 -6.21 3.61 -3.34
CA ALA A 142 -6.48 5.01 -3.05
C ALA A 142 -6.31 5.27 -1.55
N VAL A 143 -5.89 6.48 -1.20
CA VAL A 143 -5.83 6.91 0.20
C VAL A 143 -6.82 8.07 0.33
N VAL A 144 -7.99 7.78 0.91
CA VAL A 144 -9.11 8.70 0.91
C VAL A 144 -8.99 9.60 2.14
N THR A 145 -8.56 10.85 1.93
CA THR A 145 -8.28 11.75 3.05
C THR A 145 -9.39 12.75 3.31
N LYS A 146 -10.40 12.78 2.46
CA LYS A 146 -11.47 13.77 2.54
C LYS A 146 -12.72 13.16 1.93
N ASP A 147 -13.85 13.83 2.13
CA ASP A 147 -15.12 13.28 1.68
C ASP A 147 -15.14 13.03 0.16
N VAL A 148 -15.92 12.03 -0.24
CA VAL A 148 -16.14 11.66 -1.64
C VAL A 148 -17.62 11.82 -1.95
N ALA A 149 -17.92 12.46 -3.08
CA ALA A 149 -19.30 12.82 -3.42
C ALA A 149 -20.07 11.61 -3.94
N PRO A 150 -21.40 11.67 -3.90
CA PRO A 150 -22.21 10.61 -4.50
C PRO A 150 -21.82 10.35 -5.95
N TYR A 151 -21.61 9.08 -6.27
CA TYR A 151 -21.30 8.60 -7.61
C TYR A 151 -19.99 9.16 -8.15
N GLU A 152 -19.10 9.61 -7.28
CA GLU A 152 -17.79 10.08 -7.69
C GLU A 152 -16.79 8.93 -7.71
N VAL A 153 -15.89 8.95 -8.69
CA VAL A 153 -14.79 8.00 -8.80
C VAL A 153 -13.51 8.73 -8.42
N VAL A 154 -12.75 8.15 -7.48
CA VAL A 154 -11.52 8.79 -7.04
C VAL A 154 -10.39 7.77 -6.98
N GLY A 155 -9.16 8.30 -7.07
CA GLY A 155 -8.00 7.43 -6.94
C GLY A 155 -6.80 8.25 -6.54
N SER A 156 -5.69 7.53 -6.31
N SER A 156 -5.69 7.54 -6.32
CA SER A 156 -4.36 8.06 -5.99
CA SER A 156 -4.37 8.08 -5.99
C SER A 156 -4.24 8.37 -4.50
C SER A 156 -4.22 8.32 -4.48
N ASN A 157 -3.13 8.98 -4.11
CA ASN A 157 -2.75 9.11 -2.70
C ASN A 157 -2.10 10.49 -2.52
N PRO A 158 -2.83 11.47 -1.97
CA PRO A 158 -4.22 11.36 -1.51
C PRO A 158 -5.22 11.27 -2.66
N ALA A 159 -6.38 10.69 -2.40
CA ALA A 159 -7.34 10.44 -3.47
C ALA A 159 -7.82 11.76 -4.06
N LYS A 160 -7.95 11.78 -5.39
CA LYS A 160 -8.36 12.94 -6.17
C LYS A 160 -9.50 12.53 -7.10
N HIS A 161 -10.26 13.53 -7.54
CA HIS A 161 -11.37 13.31 -8.45
C HIS A 161 -10.89 12.72 -9.77
N ILE A 162 -11.59 11.68 -10.23
CA ILE A 162 -11.36 11.11 -11.56
C ILE A 162 -12.52 11.42 -12.49
N LYS A 163 -13.74 11.09 -12.07
CA LYS A 163 -14.92 11.28 -12.89
C LYS A 163 -16.15 11.06 -12.02
N PHE A 164 -17.32 11.39 -12.56
CA PHE A 164 -18.58 10.94 -12.01
C PHE A 164 -19.12 9.81 -12.88
N ARG A 165 -19.77 8.84 -12.22
CA ARG A 165 -20.33 7.69 -12.92
C ARG A 165 -21.50 8.10 -13.82
N PHE A 166 -22.26 9.11 -13.41
CA PHE A 166 -23.47 9.52 -14.10
C PHE A 166 -23.58 11.04 -14.12
N SER A 167 -24.49 11.52 -14.96
CA SER A 167 -24.74 12.95 -15.09
C SER A 167 -25.40 13.49 -13.82
N PRO A 168 -25.38 14.81 -13.64
CA PRO A 168 -26.11 15.40 -12.49
C PRO A 168 -27.58 15.01 -12.45
N GLN A 169 -28.27 14.97 -13.58
CA GLN A 169 -29.70 14.64 -13.52
C GLN A 169 -29.93 13.17 -13.22
N GLU A 170 -29.06 12.29 -13.71
CA GLU A 170 -29.17 10.87 -13.36
C GLU A 170 -28.88 10.64 -11.88
N ILE A 171 -27.89 11.35 -11.33
CA ILE A 171 -27.60 11.24 -9.90
C ILE A 171 -28.82 11.67 -9.08
N GLU A 172 -29.47 12.77 -9.48
CA GLU A 172 -30.66 13.21 -8.76
C GLU A 172 -31.78 12.18 -8.85
N MET A 173 -31.92 11.52 -10.00
CA MET A 173 -32.91 10.45 -10.12
C MET A 173 -32.61 9.33 -9.14
N LEU A 174 -31.34 8.96 -8.99
CA LEU A 174 -30.95 7.88 -8.10
C LEU A 174 -31.13 8.28 -6.64
N GLN A 175 -30.84 9.54 -6.31
CA GLN A 175 -31.03 9.99 -4.94
C GLN A 175 -32.50 10.07 -4.55
N GLU A 176 -33.40 10.26 -5.53
CA GLU A 176 -34.83 10.27 -5.24
C GLU A 176 -35.38 8.84 -5.08
N MET A 177 -34.96 7.92 -5.96
CA MET A 177 -35.55 6.58 -5.98
C MET A 177 -34.96 5.67 -4.89
N GLN A 178 -33.68 5.85 -4.54
CA GLN A 178 -33.03 5.09 -3.46
C GLN A 178 -33.34 3.59 -3.55
N TRP A 179 -32.93 2.98 -4.68
CA TRP A 179 -33.25 1.58 -4.95
C TRP A 179 -32.77 0.63 -3.86
N TRP A 180 -31.69 0.97 -3.15
CA TRP A 180 -31.17 0.09 -2.09
C TRP A 180 -32.14 -0.07 -0.93
N GLN A 181 -33.14 0.83 -0.80
CA GLN A 181 -34.22 0.69 0.17
C GLN A 181 -35.31 -0.28 -0.28
N TRP A 182 -35.33 -0.67 -1.55
CA TRP A 182 -36.35 -1.60 -1.98
C TRP A 182 -36.02 -3.01 -1.50
N SER A 183 -37.05 -3.85 -1.43
CA SER A 183 -36.82 -5.22 -1.02
C SER A 183 -36.08 -5.97 -2.14
N ASP A 184 -35.42 -7.06 -1.76
CA ASP A 184 -34.77 -7.89 -2.77
C ASP A 184 -35.77 -8.39 -3.81
N GLU A 185 -37.03 -8.57 -3.40
CA GLU A 185 -38.07 -9.01 -4.32
C GLU A 185 -38.39 -7.95 -5.36
N GLN A 186 -38.44 -6.68 -4.94
CA GLN A 186 -38.66 -5.60 -5.89
C GLN A 186 -37.46 -5.43 -6.81
N LEU A 187 -36.25 -5.59 -6.27
CA LEU A 187 -35.06 -5.47 -7.10
C LEU A 187 -35.03 -6.55 -8.16
N GLY A 188 -35.51 -7.75 -7.83
CA GLY A 188 -35.59 -8.81 -8.81
C GLY A 188 -36.53 -8.47 -9.94
N GLN A 189 -37.58 -7.70 -9.66
CA GLN A 189 -38.57 -7.35 -10.68
C GLN A 189 -38.02 -6.37 -11.72
N CYS A 190 -37.00 -5.58 -11.37
CA CYS A 190 -36.39 -4.61 -12.28
C CYS A 190 -34.92 -4.93 -12.53
N MET A 191 -34.56 -6.20 -12.46
CA MET A 191 -33.17 -6.62 -12.55
C MET A 191 -32.56 -6.34 -13.92
N ALA A 192 -33.34 -6.47 -15.00
CA ALA A 192 -32.83 -6.11 -16.32
C ALA A 192 -32.40 -4.65 -16.38
N LEU A 193 -33.15 -3.77 -15.70
CA LEU A 193 -32.78 -2.36 -15.62
C LEU A 193 -31.60 -2.13 -14.68
N MET A 194 -31.58 -2.83 -13.54
CA MET A 194 -30.47 -2.68 -12.60
C MET A 194 -29.13 -3.06 -13.24
N CYS A 195 -29.16 -4.01 -14.16
CA CYS A 195 -27.98 -4.44 -14.89
C CYS A 195 -27.90 -3.76 -16.25
N SER A 196 -28.05 -2.44 -16.24
CA SER A 196 -27.98 -1.64 -17.44
C SER A 196 -27.58 -0.21 -17.08
N ALA A 197 -27.34 0.59 -18.10
CA ALA A 197 -27.11 2.02 -17.92
C ALA A 197 -28.40 2.83 -17.98
N ASP A 198 -29.54 2.15 -18.03
CA ASP A 198 -30.82 2.83 -18.27
C ASP A 198 -31.39 3.36 -16.94
N ILE A 199 -30.77 4.44 -16.45
CA ILE A 199 -31.18 5.01 -15.18
C ILE A 199 -32.55 5.68 -15.30
N GLU A 200 -32.81 6.36 -16.41
CA GLU A 200 -34.13 6.95 -16.60
C GLU A 200 -35.21 5.87 -16.64
N GLY A 201 -34.91 4.75 -17.29
CA GLY A 201 -35.87 3.65 -17.32
C GLY A 201 -36.18 3.10 -15.94
N LEU A 202 -35.15 2.99 -15.10
CA LEU A 202 -35.39 2.54 -13.73
C LEU A 202 -36.20 3.57 -12.96
N TYR A 203 -35.92 4.85 -13.19
CA TYR A 203 -36.66 5.93 -12.53
C TYR A 203 -38.14 5.91 -12.90
N LEU A 204 -38.44 5.81 -14.20
CA LEU A 204 -39.83 5.71 -14.62
C LEU A 204 -40.47 4.46 -14.07
N TRP A 205 -39.71 3.36 -13.98
CA TRP A 205 -40.24 2.14 -13.40
C TRP A 205 -40.59 2.34 -11.92
N TRP A 206 -39.72 3.01 -11.17
CA TRP A 206 -39.99 3.27 -9.76
C TRP A 206 -41.26 4.10 -9.57
N LYS A 207 -41.41 5.16 -10.36
CA LYS A 207 -42.59 6.02 -10.22
C LYS A 207 -43.87 5.24 -10.46
N GLN A 208 -43.85 4.31 -11.42
CA GLN A 208 -45.04 3.50 -11.68
C GLN A 208 -45.40 2.57 -10.53
N SER A 209 -44.48 2.32 -9.60
CA SER A 209 -44.77 1.46 -8.47
C SER A 209 -45.28 2.23 -7.26
N GLN A 210 -45.23 3.55 -7.29
CA GLN A 210 -45.68 4.37 -6.18
C GLN A 210 -47.17 4.66 -6.27
N SER B 9 18.51 -12.48 1.30
CA SER B 9 17.06 -12.64 1.30
C SER B 9 16.41 -11.93 0.09
N PRO B 10 16.64 -10.63 -0.09
CA PRO B 10 16.18 -9.99 -1.34
C PRO B 10 17.09 -10.28 -2.52
N PHE B 11 18.30 -10.77 -2.23
CA PHE B 11 19.26 -11.01 -3.29
C PHE B 11 18.96 -12.29 -4.05
N SER B 12 18.42 -13.30 -3.36
CA SER B 12 18.15 -14.62 -3.92
C SER B 12 16.68 -15.02 -3.88
N GLY B 13 15.99 -14.77 -2.77
CA GLY B 13 14.63 -15.23 -2.59
C GLY B 13 14.52 -16.71 -2.86
N LYS B 14 13.36 -17.12 -3.40
CA LYS B 14 13.20 -18.49 -3.90
C LYS B 14 12.50 -18.43 -5.26
N PRO B 15 12.85 -19.33 -6.17
CA PRO B 15 12.30 -19.28 -7.53
C PRO B 15 10.79 -19.48 -7.53
N ILE B 16 10.11 -18.75 -8.42
CA ILE B 16 8.66 -18.77 -8.42
C ILE B 16 8.13 -20.09 -8.96
N GLN B 17 8.79 -20.64 -9.98
CA GLN B 17 8.26 -21.82 -10.67
C GLN B 17 8.03 -22.98 -9.71
N GLU B 18 8.83 -23.08 -8.65
CA GLU B 18 8.62 -24.13 -7.65
C GLU B 18 7.45 -23.82 -6.73
N GLN B 19 7.14 -22.54 -6.50
CA GLN B 19 6.13 -22.16 -5.52
C GLN B 19 4.70 -22.29 -6.04
N ILE B 20 4.49 -22.22 -7.35
CA ILE B 20 3.13 -22.09 -7.89
C ILE B 20 2.58 -23.45 -8.28
N THR B 21 1.26 -23.59 -8.17
CA THR B 21 0.54 -24.74 -8.68
C THR B 21 -0.67 -24.35 -9.51
N ASN B 22 -0.98 -23.07 -9.60
CA ASN B 22 -2.10 -22.54 -10.36
C ASN B 22 -1.78 -22.58 -11.85
N PRO B 23 -2.47 -23.42 -12.63
CA PRO B 23 -2.13 -23.52 -14.07
C PRO B 23 -2.25 -22.20 -14.81
N ASN B 24 -2.95 -21.22 -14.26
CA ASN B 24 -3.10 -19.93 -14.92
C ASN B 24 -1.96 -18.97 -14.60
N ILE B 25 -0.93 -19.41 -13.89
CA ILE B 25 0.30 -18.64 -13.69
C ILE B 25 1.40 -19.35 -14.46
N ILE B 26 2.02 -18.64 -15.40
CA ILE B 26 3.10 -19.19 -16.22
C ILE B 26 4.33 -18.30 -16.00
N VAL B 27 5.44 -18.91 -15.58
CA VAL B 27 6.61 -18.15 -15.16
C VAL B 27 7.87 -18.77 -15.77
N GLY B 28 8.75 -17.91 -16.28
CA GLY B 28 9.98 -18.36 -16.89
C GLY B 28 11.07 -18.70 -15.88
N ARG B 29 12.22 -19.11 -16.45
CA ARG B 29 13.37 -19.59 -15.69
C ARG B 29 13.89 -18.55 -14.71
N HIS B 30 14.25 -19.02 -13.51
CA HIS B 30 15.04 -18.27 -12.54
C HIS B 30 14.30 -17.10 -11.87
N SER B 31 13.10 -16.77 -12.33
CA SER B 31 12.38 -15.67 -11.69
C SER B 31 12.07 -16.02 -10.24
N TYR B 32 12.22 -15.05 -9.34
CA TYR B 32 12.11 -15.32 -7.91
C TYR B 32 11.30 -14.26 -7.20
N TYR B 33 10.92 -14.58 -5.98
CA TYR B 33 10.09 -13.75 -5.13
C TYR B 33 10.76 -13.60 -3.77
N SER B 34 10.97 -12.37 -3.32
CA SER B 34 11.69 -12.16 -2.07
C SER B 34 10.77 -12.12 -0.85
N GLY B 35 9.46 -12.30 -1.01
CA GLY B 35 8.58 -12.39 0.14
C GLY B 35 8.27 -13.84 0.50
N TYR B 36 9.24 -14.71 0.21
CA TYR B 36 9.03 -16.15 0.31
C TYR B 36 8.67 -16.59 1.73
N TYR B 37 9.19 -15.91 2.75
CA TYR B 37 8.95 -16.35 4.12
C TYR B 37 7.65 -15.81 4.72
N HIS B 38 6.89 -15.02 3.97
CA HIS B 38 5.65 -14.44 4.49
C HIS B 38 4.45 -15.16 3.87
N GLY B 39 3.46 -15.48 4.70
CA GLY B 39 2.26 -16.14 4.24
C GLY B 39 2.57 -17.41 3.46
N HIS B 40 1.87 -17.56 2.33
CA HIS B 40 2.03 -18.69 1.44
C HIS B 40 3.02 -18.41 0.31
N GLY B 41 3.87 -17.40 0.46
CA GLY B 41 4.85 -17.12 -0.57
C GLY B 41 4.23 -16.41 -1.76
N PHE B 42 4.76 -16.72 -2.94
CA PHE B 42 4.35 -16.02 -4.15
C PHE B 42 2.84 -16.13 -4.41
N ASP B 43 2.22 -17.24 -3.98
CA ASP B 43 0.78 -17.42 -4.22
C ASP B 43 -0.04 -16.25 -3.67
N ASP B 44 0.37 -15.70 -2.52
CA ASP B 44 -0.34 -14.57 -1.92
C ASP B 44 -0.29 -13.31 -2.77
N CYS B 45 0.69 -13.22 -3.68
CA CYS B 45 0.77 -12.07 -4.56
C CYS B 45 -0.37 -12.06 -5.56
N VAL B 46 -0.92 -13.21 -5.89
CA VAL B 46 -1.80 -13.37 -7.04
C VAL B 46 -3.24 -13.36 -6.53
N ARG B 47 -3.99 -12.30 -6.88
CA ARG B 47 -5.28 -12.04 -6.26
C ARG B 47 -6.42 -12.34 -7.24
N TYR B 48 -7.34 -13.20 -6.80
CA TYR B 48 -8.61 -13.50 -7.49
C TYR B 48 -8.42 -14.35 -8.74
N LEU B 49 -7.33 -15.10 -8.86
CA LEU B 49 -7.07 -15.88 -10.06
C LEU B 49 -7.66 -17.29 -9.89
N ASN B 50 -8.65 -17.61 -10.71
CA ASN B 50 -9.30 -18.92 -10.62
C ASN B 50 -8.38 -19.99 -11.18
N PRO B 51 -8.05 -21.03 -10.42
CA PRO B 51 -7.15 -22.07 -10.93
C PRO B 51 -7.83 -23.15 -11.75
N GLU B 52 -9.16 -23.20 -11.76
CA GLU B 52 -9.88 -24.31 -12.36
C GLU B 52 -10.61 -23.95 -13.65
N ARG B 53 -10.36 -22.76 -14.19
CA ARG B 53 -10.96 -22.33 -15.45
C ARG B 53 -9.86 -22.02 -16.45
N ASN B 54 -10.09 -22.34 -17.72
CA ASN B 54 -9.16 -21.97 -18.76
C ASN B 54 -9.65 -20.79 -19.60
N ASP B 55 -10.78 -20.19 -19.22
CA ASP B 55 -11.34 -19.04 -19.91
C ASP B 55 -11.19 -17.75 -19.11
N VAL B 56 -10.13 -17.65 -18.30
CA VAL B 56 -9.89 -16.47 -17.50
C VAL B 56 -8.54 -15.88 -17.89
N ASP B 57 -8.38 -14.60 -17.58
CA ASP B 57 -7.10 -13.92 -17.74
C ASP B 57 -6.02 -14.69 -16.98
N LYS B 58 -4.89 -14.94 -17.65
CA LYS B 58 -3.77 -15.59 -16.98
C LYS B 58 -2.71 -14.56 -16.60
N LEU B 59 -1.80 -14.98 -15.71
CA LEU B 59 -0.63 -14.21 -15.31
C LEU B 59 0.61 -14.83 -15.96
N ILE B 60 1.25 -14.09 -16.86
CA ILE B 60 2.44 -14.54 -17.59
C ILE B 60 3.62 -13.72 -17.11
N ILE B 61 4.66 -14.39 -16.63
CA ILE B 61 5.85 -13.73 -16.11
C ILE B 61 7.06 -14.30 -16.82
N GLY B 62 7.87 -13.42 -17.41
CA GLY B 62 9.06 -13.83 -18.12
C GLY B 62 10.16 -14.35 -17.21
N SER B 63 11.22 -14.82 -17.85
CA SER B 63 12.40 -15.32 -17.13
C SER B 63 13.20 -14.16 -16.54
N PHE B 64 13.96 -14.48 -15.49
CA PHE B 64 14.94 -13.58 -14.89
C PHE B 64 14.30 -12.34 -14.28
N CYS B 65 13.07 -12.48 -13.79
CA CYS B 65 12.40 -11.40 -13.06
C CYS B 65 12.67 -11.49 -11.57
N SER B 66 12.65 -10.33 -10.90
CA SER B 66 12.80 -10.20 -9.46
C SER B 66 11.54 -9.52 -8.94
N VAL B 67 10.77 -10.22 -8.10
CA VAL B 67 9.52 -9.70 -7.56
C VAL B 67 9.69 -9.41 -6.08
N GLY B 68 9.46 -8.15 -5.69
CA GLY B 68 9.67 -7.77 -4.31
C GLY B 68 8.54 -8.23 -3.40
N SER B 69 8.86 -8.29 -2.12
CA SER B 69 7.91 -8.78 -1.12
C SER B 69 6.60 -8.03 -1.20
N GLY B 70 5.49 -8.76 -1.10
CA GLY B 70 4.18 -8.12 -1.01
C GLY B 70 3.63 -7.52 -2.28
N ALA B 71 4.30 -7.72 -3.42
CA ALA B 71 3.72 -7.34 -4.71
C ALA B 71 2.37 -8.01 -4.89
N VAL B 72 1.47 -7.32 -5.61
CA VAL B 72 0.12 -7.82 -5.89
C VAL B 72 -0.13 -7.75 -7.38
N PHE B 73 -0.62 -8.87 -7.96
CA PHE B 73 -1.09 -8.92 -9.34
C PHE B 73 -2.60 -9.09 -9.28
N MET B 74 -3.33 -8.06 -9.71
CA MET B 74 -4.78 -8.09 -9.64
C MET B 74 -5.32 -8.83 -10.85
N MET B 75 -6.00 -9.94 -10.61
CA MET B 75 -6.60 -10.71 -11.67
C MET B 75 -8.12 -10.59 -11.56
N ALA B 76 -8.85 -11.39 -12.34
CA ALA B 76 -10.31 -11.41 -12.37
C ALA B 76 -10.93 -10.11 -12.90
N GLY B 77 -10.16 -9.32 -13.64
CA GLY B 77 -10.78 -8.26 -14.45
C GLY B 77 -11.50 -7.24 -13.61
N ASN B 78 -12.75 -6.97 -13.97
CA ASN B 78 -13.57 -6.03 -13.20
C ASN B 78 -14.31 -6.70 -12.05
N GLN B 79 -14.05 -7.97 -11.78
CA GLN B 79 -14.65 -8.68 -10.64
C GLN B 79 -16.18 -8.61 -10.65
N GLY B 80 -16.78 -8.48 -11.83
CA GLY B 80 -18.23 -8.43 -11.95
C GLY B 80 -18.86 -7.08 -11.68
N HIS B 81 -18.06 -6.04 -11.42
CA HIS B 81 -18.56 -4.69 -11.13
C HIS B 81 -18.58 -3.88 -12.42
N ARG B 82 -19.78 -3.42 -12.83
CA ARG B 82 -19.93 -2.57 -14.01
C ARG B 82 -20.17 -1.14 -13.54
N THR B 83 -19.14 -0.31 -13.67
CA THR B 83 -19.25 1.10 -13.31
C THR B 83 -20.35 1.80 -14.10
N ASP B 84 -20.64 1.31 -15.30
CA ASP B 84 -21.63 1.94 -16.16
C ASP B 84 -23.07 1.46 -15.88
N TRP B 85 -23.25 0.38 -15.13
CA TRP B 85 -24.59 -0.04 -14.77
C TRP B 85 -25.07 0.75 -13.55
N VAL B 86 -26.39 0.68 -13.29
CA VAL B 86 -26.97 1.40 -12.15
C VAL B 86 -26.15 1.18 -10.89
N SER B 87 -25.74 -0.06 -10.66
CA SER B 87 -25.04 -0.44 -9.45
C SER B 87 -23.82 -1.28 -9.81
N THR B 88 -22.76 -1.10 -9.02
CA THR B 88 -21.57 -1.95 -9.13
C THR B 88 -21.70 -3.25 -8.34
N PHE B 89 -22.81 -3.44 -7.64
CA PHE B 89 -22.97 -4.63 -6.84
C PHE B 89 -23.23 -5.81 -7.78
N PRO B 90 -22.39 -6.86 -7.74
CA PRO B 90 -22.53 -7.97 -8.69
C PRO B 90 -23.73 -8.87 -8.42
N PHE B 91 -24.94 -8.38 -8.68
CA PHE B 91 -26.13 -9.18 -8.47
C PHE B 91 -25.99 -10.59 -9.04
N PHE B 92 -25.35 -10.70 -10.21
CA PHE B 92 -25.33 -11.98 -10.91
C PHE B 92 -24.66 -13.07 -10.09
N TYR B 93 -23.76 -12.70 -9.19
CA TYR B 93 -22.97 -13.67 -8.44
C TYR B 93 -23.50 -13.90 -7.03
N GLN B 94 -24.70 -13.40 -6.74
CA GLN B 94 -25.36 -13.70 -5.46
C GLN B 94 -26.24 -14.92 -5.65
N GLN B 95 -26.17 -15.85 -4.69
CA GLN B 95 -26.93 -17.09 -4.76
C GLN B 95 -28.42 -16.83 -4.54
N ASN B 96 -28.84 -15.60 -4.72
CA ASN B 96 -30.18 -15.17 -4.34
C ASN B 96 -31.18 -15.53 -5.42
N PRO B 97 -32.24 -16.29 -5.11
CA PRO B 97 -33.26 -16.59 -6.14
C PRO B 97 -33.91 -15.35 -6.71
N ASN B 98 -34.10 -14.30 -5.89
CA ASN B 98 -34.68 -13.05 -6.38
C ASN B 98 -33.85 -12.44 -7.50
N PHE B 99 -32.54 -12.70 -7.52
CA PHE B 99 -31.65 -12.07 -8.47
C PHE B 99 -31.34 -12.97 -9.67
N SER B 100 -32.20 -13.94 -9.97
CA SER B 100 -31.91 -14.92 -11.01
C SER B 100 -31.86 -14.31 -12.41
N GLU B 101 -32.55 -13.19 -12.62
CA GLU B 101 -32.59 -12.54 -13.94
C GLU B 101 -31.40 -11.63 -14.18
N ALA B 102 -30.48 -11.53 -13.22
CA ALA B 102 -29.36 -10.61 -13.33
C ALA B 102 -28.48 -10.96 -14.51
N LYS B 103 -27.91 -9.93 -15.12
CA LYS B 103 -26.95 -10.11 -16.19
C LYS B 103 -25.54 -10.13 -15.63
N ASP B 104 -24.70 -10.97 -16.25
CA ASP B 104 -23.30 -11.10 -15.87
C ASP B 104 -22.56 -9.80 -16.19
N GLY B 105 -22.02 -9.15 -15.15
CA GLY B 105 -21.25 -7.95 -15.38
C GLY B 105 -19.77 -8.17 -15.49
N PHE B 106 -19.32 -9.42 -15.50
CA PHE B 106 -17.89 -9.67 -15.57
C PHE B 106 -17.37 -9.26 -16.93
N VAL B 107 -16.26 -8.52 -16.94
CA VAL B 107 -15.55 -8.18 -18.17
C VAL B 107 -14.09 -8.57 -18.00
N ARG B 108 -13.61 -9.45 -18.88
CA ARG B 108 -12.19 -9.81 -18.89
C ARG B 108 -11.34 -8.61 -19.28
N ALA B 109 -10.10 -8.57 -18.73
CA ALA B 109 -9.14 -7.53 -19.03
C ALA B 109 -8.02 -7.99 -19.94
N GLY B 110 -7.93 -9.29 -20.21
CA GLY B 110 -6.80 -9.85 -20.92
C GLY B 110 -5.74 -10.32 -19.95
N ASP B 111 -4.78 -11.05 -20.47
CA ASP B 111 -3.70 -11.56 -19.62
C ASP B 111 -2.88 -10.41 -19.04
N THR B 112 -2.33 -10.64 -17.85
CA THR B 112 -1.28 -9.79 -17.30
C THR B 112 0.03 -10.39 -17.77
N ARG B 113 0.84 -9.59 -18.45
N ARG B 113 0.81 -9.63 -18.54
CA ARG B 113 2.07 -10.08 -19.09
CA ARG B 113 2.08 -10.12 -19.06
C ARG B 113 3.24 -9.27 -18.57
C ARG B 113 3.19 -9.27 -18.49
N ILE B 114 4.15 -9.92 -17.85
CA ILE B 114 5.36 -9.28 -17.38
C ILE B 114 6.52 -9.84 -18.18
N GLY B 115 7.34 -8.96 -18.75
CA GLY B 115 8.39 -9.36 -19.64
C GLY B 115 9.54 -10.06 -18.93
N HIS B 116 10.59 -10.34 -19.70
CA HIS B 116 11.83 -10.86 -19.14
C HIS B 116 12.60 -9.73 -18.47
N ASP B 117 13.39 -10.09 -17.45
CA ASP B 117 14.32 -9.16 -16.80
C ASP B 117 13.58 -7.96 -16.19
N VAL B 118 12.44 -8.23 -15.57
CA VAL B 118 11.64 -7.16 -14.95
C VAL B 118 11.86 -7.20 -13.44
N TRP B 119 12.06 -6.04 -12.84
CA TRP B 119 12.24 -5.91 -11.39
C TRP B 119 11.00 -5.22 -10.84
N ILE B 120 10.21 -5.96 -10.05
CA ILE B 120 8.96 -5.43 -9.49
C ILE B 120 9.20 -5.10 -8.04
N GLY B 121 9.11 -3.81 -7.70
CA GLY B 121 9.39 -3.36 -6.37
C GLY B 121 8.40 -3.89 -5.35
N SER B 122 8.84 -3.89 -4.09
N SER B 122 8.83 -3.88 -4.09
CA SER B 122 8.02 -4.41 -3.00
CA SER B 122 8.02 -4.38 -2.99
C SER B 122 6.69 -3.68 -2.93
C SER B 122 6.68 -3.67 -2.94
N GLU B 123 5.61 -4.45 -2.78
CA GLU B 123 4.26 -3.94 -2.56
C GLU B 123 3.74 -3.08 -3.72
N ALA B 124 4.36 -3.18 -4.90
CA ALA B 124 3.73 -2.64 -6.08
C ALA B 124 2.46 -3.42 -6.36
N MET B 125 1.47 -2.78 -6.99
CA MET B 125 0.24 -3.44 -7.41
C MET B 125 0.11 -3.31 -8.91
N ILE B 126 -0.08 -4.46 -9.58
CA ILE B 126 -0.22 -4.51 -11.04
C ILE B 126 -1.69 -4.74 -11.33
N MET B 127 -2.32 -3.80 -12.05
CA MET B 127 -3.75 -3.88 -12.30
C MET B 127 -4.06 -4.85 -13.43
N PRO B 128 -5.32 -5.28 -13.58
CA PRO B 128 -5.64 -6.30 -14.58
C PRO B 128 -5.30 -5.87 -16.00
N GLY B 129 -4.80 -6.83 -16.79
CA GLY B 129 -4.62 -6.64 -18.21
C GLY B 129 -3.39 -5.88 -18.62
N VAL B 130 -2.54 -5.47 -17.68
CA VAL B 130 -1.37 -4.66 -17.99
C VAL B 130 -0.27 -5.53 -18.58
N THR B 131 0.47 -4.96 -19.54
CA THR B 131 1.69 -5.57 -20.07
C THR B 131 2.90 -4.73 -19.67
N ILE B 132 3.91 -5.37 -19.10
CA ILE B 132 5.13 -4.69 -18.69
C ILE B 132 6.28 -5.23 -19.54
N GLY B 133 6.90 -4.35 -20.32
CA GLY B 133 7.89 -4.78 -21.27
C GLY B 133 9.18 -5.26 -20.62
N ASP B 134 9.96 -5.98 -21.42
CA ASP B 134 11.25 -6.52 -20.97
C ASP B 134 12.10 -5.42 -20.34
N GLY B 135 12.80 -5.77 -19.27
CA GLY B 135 13.81 -4.89 -18.71
C GLY B 135 13.25 -3.75 -17.88
N ALA B 136 11.93 -3.68 -17.72
CA ALA B 136 11.33 -2.56 -17.01
C ALA B 136 11.61 -2.67 -15.52
N ILE B 137 11.50 -1.52 -14.83
CA ILE B 137 11.62 -1.46 -13.38
C ILE B 137 10.37 -0.79 -12.83
N ILE B 138 9.69 -1.47 -11.92
CA ILE B 138 8.48 -0.96 -11.25
C ILE B 138 8.87 -0.59 -9.83
N ALA B 139 8.79 0.69 -9.49
CA ALA B 139 9.20 1.13 -8.17
C ALA B 139 8.34 0.48 -7.09
N SER B 140 8.93 0.32 -5.90
CA SER B 140 8.15 -0.12 -4.76
C SER B 140 6.92 0.75 -4.59
N ARG B 141 5.79 0.12 -4.28
CA ARG B 141 4.48 0.73 -4.04
C ARG B 141 3.88 1.38 -5.29
N ALA B 142 4.44 1.16 -6.47
CA ALA B 142 3.81 1.70 -7.66
C ALA B 142 2.48 0.97 -7.89
N VAL B 143 1.50 1.70 -8.42
CA VAL B 143 0.24 1.11 -8.84
C VAL B 143 0.16 1.22 -10.35
N VAL B 144 0.40 0.11 -11.04
CA VAL B 144 0.59 0.12 -12.48
C VAL B 144 -0.77 -0.11 -13.15
N THR B 145 -1.32 0.94 -13.73
CA THR B 145 -2.66 0.91 -14.29
C THR B 145 -2.65 0.91 -15.81
N LYS B 146 -1.48 1.01 -16.42
CA LYS B 146 -1.31 1.07 -17.86
C LYS B 146 -0.04 0.31 -18.25
N ASP B 147 0.06 -0.02 -19.54
CA ASP B 147 1.23 -0.75 -20.02
C ASP B 147 2.52 0.02 -19.75
N VAL B 148 3.58 -0.73 -19.49
CA VAL B 148 4.91 -0.19 -19.25
C VAL B 148 5.80 -0.66 -20.40
N ALA B 149 6.55 0.27 -20.98
CA ALA B 149 7.39 -0.01 -22.13
C ALA B 149 8.66 -0.77 -21.74
N PRO B 150 9.29 -1.46 -22.70
CA PRO B 150 10.56 -2.12 -22.41
C PRO B 150 11.59 -1.15 -21.86
N TYR B 151 12.27 -1.59 -20.79
CA TYR B 151 13.36 -0.85 -20.13
C TYR B 151 12.90 0.48 -19.54
N GLU B 152 11.59 0.65 -19.36
CA GLU B 152 11.06 1.84 -18.73
C GLU B 152 11.07 1.69 -17.21
N VAL B 153 11.34 2.79 -16.52
CA VAL B 153 11.27 2.85 -15.06
C VAL B 153 10.05 3.70 -14.72
N VAL B 154 9.15 3.16 -13.88
CA VAL B 154 7.95 3.89 -13.49
C VAL B 154 7.74 3.79 -11.98
N GLY B 155 7.02 4.77 -11.45
CA GLY B 155 6.64 4.73 -10.05
C GLY B 155 5.45 5.62 -9.80
N SER B 156 4.99 5.60 -8.56
N SER B 156 4.97 5.57 -8.56
CA SER B 156 3.86 6.37 -8.04
CA SER B 156 3.85 6.35 -8.01
C SER B 156 2.53 5.66 -8.27
C SER B 156 2.52 5.64 -8.26
N ASN B 157 1.43 6.34 -7.96
CA ASN B 157 0.09 5.75 -7.93
C ASN B 157 -0.89 6.80 -8.44
N PRO B 158 -1.36 6.70 -9.69
CA PRO B 158 -1.03 5.68 -10.68
C PRO B 158 0.41 5.81 -11.18
N ALA B 159 1.03 4.71 -11.57
CA ALA B 159 2.44 4.77 -11.96
C ALA B 159 2.61 5.67 -13.17
N LYS B 160 3.71 6.43 -13.17
CA LYS B 160 4.02 7.37 -14.23
C LYS B 160 5.48 7.20 -14.62
N HIS B 161 5.82 7.70 -15.81
CA HIS B 161 7.17 7.57 -16.35
C HIS B 161 8.20 8.26 -15.46
N ILE B 162 9.29 7.55 -15.16
CA ILE B 162 10.45 8.16 -14.53
C ILE B 162 11.58 8.33 -15.54
N LYS B 163 11.98 7.25 -16.19
CA LYS B 163 13.13 7.27 -17.11
C LYS B 163 13.18 5.94 -17.85
N PHE B 164 14.17 5.83 -18.74
CA PHE B 164 14.54 4.56 -19.35
C PHE B 164 15.92 4.15 -18.86
N ARG B 165 16.13 2.83 -18.77
CA ARG B 165 17.40 2.33 -18.26
C ARG B 165 18.52 2.59 -19.26
N PHE B 166 18.23 2.52 -20.55
CA PHE B 166 19.27 2.62 -21.56
C PHE B 166 18.82 3.51 -22.71
N SER B 167 19.79 3.84 -23.57
CA SER B 167 19.53 4.61 -24.77
C SER B 167 18.66 3.80 -25.73
N PRO B 168 18.00 4.47 -26.69
CA PRO B 168 17.19 3.73 -27.65
C PRO B 168 17.99 2.74 -28.48
N GLN B 169 19.25 3.04 -28.81
CA GLN B 169 20.04 2.09 -29.58
C GLN B 169 20.40 0.87 -28.74
N GLU B 170 20.74 1.09 -27.47
CA GLU B 170 21.03 -0.03 -26.57
C GLU B 170 19.79 -0.90 -26.38
N ILE B 171 18.61 -0.28 -26.26
CA ILE B 171 17.36 -1.05 -26.16
C ILE B 171 17.17 -1.91 -27.40
N GLU B 172 17.36 -1.32 -28.58
CA GLU B 172 17.23 -2.10 -29.82
C GLU B 172 18.21 -3.27 -29.84
N MET B 173 19.45 -3.03 -29.40
CA MET B 173 20.42 -4.12 -29.30
C MET B 173 19.93 -5.22 -28.36
N LEU B 174 19.41 -4.83 -27.20
CA LEU B 174 18.89 -5.84 -26.29
C LEU B 174 17.69 -6.58 -26.88
N GLN B 175 16.86 -5.88 -27.65
CA GLN B 175 15.69 -6.54 -28.22
C GLN B 175 16.08 -7.52 -29.31
N GLU B 176 17.17 -7.24 -30.04
CA GLU B 176 17.68 -8.19 -31.03
C GLU B 176 18.25 -9.43 -30.36
N MET B 177 19.09 -9.24 -29.32
CA MET B 177 19.90 -10.35 -28.85
C MET B 177 19.13 -11.27 -27.92
N GLN B 178 18.15 -10.75 -27.17
CA GLN B 178 17.29 -11.55 -26.30
C GLN B 178 18.09 -12.52 -25.42
N TRP B 179 18.93 -11.95 -24.56
CA TRP B 179 19.91 -12.76 -23.84
C TRP B 179 19.25 -13.79 -22.92
N TRP B 180 18.03 -13.51 -22.46
CA TRP B 180 17.30 -14.47 -21.64
C TRP B 180 17.01 -15.76 -22.39
N GLN B 181 17.09 -15.74 -23.72
CA GLN B 181 16.91 -16.96 -24.51
C GLN B 181 18.15 -17.86 -24.48
N TRP B 182 19.32 -17.33 -24.15
CA TRP B 182 20.52 -18.15 -24.12
C TRP B 182 20.49 -19.09 -22.91
N SER B 183 21.29 -20.15 -22.98
CA SER B 183 21.38 -21.06 -21.85
C SER B 183 22.19 -20.43 -20.71
N ASP B 184 22.05 -21.00 -19.51
CA ASP B 184 22.86 -20.54 -18.38
C ASP B 184 24.35 -20.67 -18.68
N GLU B 185 24.73 -21.72 -19.41
CA GLU B 185 26.13 -21.89 -19.76
C GLU B 185 26.61 -20.78 -20.69
N GLN B 186 25.78 -20.41 -21.66
CA GLN B 186 26.13 -19.29 -22.54
C GLN B 186 26.15 -17.98 -21.78
N LEU B 187 25.19 -17.78 -20.87
CA LEU B 187 25.24 -16.60 -20.01
C LEU B 187 26.50 -16.62 -19.14
N GLY B 188 26.95 -17.81 -18.73
CA GLY B 188 28.13 -17.90 -17.89
C GLY B 188 29.41 -17.50 -18.61
N GLN B 189 29.48 -17.79 -19.91
CA GLN B 189 30.63 -17.38 -20.71
C GLN B 189 30.75 -15.87 -20.83
N CYS B 190 29.64 -15.12 -20.74
CA CYS B 190 29.68 -13.67 -20.91
C CYS B 190 29.24 -12.95 -19.65
N MET B 191 29.46 -13.58 -18.48
CA MET B 191 28.98 -13.04 -17.21
C MET B 191 29.62 -11.69 -16.89
N ALA B 192 30.87 -11.50 -17.31
CA ALA B 192 31.55 -10.22 -17.07
C ALA B 192 30.87 -9.09 -17.82
N LEU B 193 30.34 -9.37 -19.01
CA LEU B 193 29.57 -8.38 -19.75
C LEU B 193 28.16 -8.21 -19.17
N MET B 194 27.49 -9.31 -18.82
CA MET B 194 26.16 -9.22 -18.22
C MET B 194 26.16 -8.33 -16.99
N CYS B 195 27.20 -8.44 -16.17
CA CYS B 195 27.32 -7.63 -14.96
C CYS B 195 28.11 -6.35 -15.23
N SER B 196 27.65 -5.58 -16.21
CA SER B 196 28.32 -4.35 -16.60
C SER B 196 27.34 -3.50 -17.37
N ALA B 197 27.74 -2.27 -17.65
CA ALA B 197 26.95 -1.36 -18.46
C ALA B 197 27.25 -1.48 -19.94
N ASP B 198 28.09 -2.44 -20.34
CA ASP B 198 28.61 -2.52 -21.70
C ASP B 198 27.64 -3.27 -22.61
N ILE B 199 26.50 -2.62 -22.88
CA ILE B 199 25.50 -3.18 -23.80
C ILE B 199 26.11 -3.42 -25.17
N GLU B 200 26.92 -2.48 -25.65
CA GLU B 200 27.54 -2.61 -26.96
C GLU B 200 28.46 -3.83 -27.00
N GLY B 201 29.26 -4.02 -25.96
CA GLY B 201 30.12 -5.19 -25.91
C GLY B 201 29.35 -6.49 -25.98
N LEU B 202 28.22 -6.57 -25.27
CA LEU B 202 27.44 -7.80 -25.28
C LEU B 202 26.79 -8.03 -26.64
N TYR B 203 26.36 -6.96 -27.30
CA TYR B 203 25.81 -7.09 -28.65
C TYR B 203 26.86 -7.64 -29.61
N LEU B 204 28.07 -7.07 -29.57
N LEU B 204 28.06 -7.06 -29.57
CA LEU B 204 29.15 -7.56 -30.41
CA LEU B 204 29.16 -7.56 -30.40
C LEU B 204 29.48 -9.02 -30.09
C LEU B 204 29.48 -9.02 -30.09
N TRP B 205 29.49 -9.37 -28.80
CA TRP B 205 29.73 -10.76 -28.42
C TRP B 205 28.68 -11.69 -29.00
N TRP B 206 27.41 -11.29 -28.92
CA TRP B 206 26.34 -12.13 -29.44
C TRP B 206 26.47 -12.33 -30.94
N LYS B 207 26.76 -11.27 -31.68
CA LYS B 207 26.85 -11.39 -33.13
C LYS B 207 27.97 -12.35 -33.54
N GLN B 208 29.08 -12.34 -32.81
CA GLN B 208 30.18 -13.25 -33.10
C GLN B 208 29.84 -14.71 -32.78
N SER B 209 28.78 -14.97 -32.02
CA SER B 209 28.34 -16.34 -31.80
C SER B 209 27.36 -16.81 -32.88
N GLN B 210 26.81 -15.88 -33.66
CA GLN B 210 25.82 -16.22 -34.66
C GLN B 210 26.53 -16.64 -35.95
N SER C 9 -5.25 -0.60 20.04
CA SER C 9 -4.25 -0.01 20.93
C SER C 9 -3.33 0.98 20.23
N PRO C 10 -3.89 1.99 19.55
CA PRO C 10 -3.04 2.95 18.84
C PRO C 10 -2.32 3.92 19.75
N PHE C 11 -2.77 4.05 21.01
CA PHE C 11 -2.35 5.17 21.84
C PHE C 11 -1.03 4.92 22.55
N SER C 12 -0.78 3.68 22.96
CA SER C 12 0.50 3.34 23.56
C SER C 12 1.19 2.15 22.92
N GLY C 13 0.52 1.41 22.03
CA GLY C 13 1.09 0.25 21.37
C GLY C 13 1.92 -0.60 22.32
N LYS C 14 3.10 -1.05 21.87
CA LYS C 14 4.08 -1.66 22.77
C LYS C 14 5.48 -1.20 22.40
N PRO C 15 6.34 -0.98 23.38
CA PRO C 15 7.65 -0.37 23.12
C PRO C 15 8.51 -1.23 22.20
N ILE C 16 9.27 -0.56 21.33
CA ILE C 16 10.04 -1.27 20.31
C ILE C 16 11.31 -1.88 20.89
N GLN C 17 11.96 -1.21 21.86
CA GLN C 17 13.22 -1.71 22.40
C GLN C 17 13.11 -3.13 22.93
N GLU C 18 11.93 -3.50 23.44
CA GLU C 18 11.76 -4.81 24.04
C GLU C 18 11.36 -5.90 23.06
N GLN C 19 10.80 -5.53 21.91
CA GLN C 19 10.33 -6.51 20.92
C GLN C 19 11.26 -6.62 19.72
N ILE C 20 12.55 -6.35 19.90
CA ILE C 20 13.54 -6.51 18.83
C ILE C 20 14.71 -7.33 19.34
N THR C 21 15.28 -8.13 18.45
CA THR C 21 16.51 -8.87 18.71
C THR C 21 17.57 -8.67 17.64
N ASN C 22 17.23 -8.07 16.51
CA ASN C 22 18.17 -7.81 15.42
C ASN C 22 19.15 -6.72 15.83
N PRO C 23 20.44 -7.03 16.02
CA PRO C 23 21.39 -6.01 16.50
C PRO C 23 21.61 -4.85 15.53
N ASN C 24 21.17 -4.96 14.29
CA ASN C 24 21.27 -3.87 13.32
C ASN C 24 20.09 -2.90 13.39
N ILE C 25 19.22 -3.07 14.39
CA ILE C 25 18.14 -2.13 14.69
C ILE C 25 18.46 -1.48 16.03
N ILE C 26 18.54 -0.16 16.07
CA ILE C 26 18.87 0.59 17.28
C ILE C 26 17.77 1.61 17.53
N VAL C 27 17.11 1.54 18.69
CA VAL C 27 15.92 2.34 18.92
C VAL C 27 15.98 3.00 20.30
N GLY C 28 15.60 4.27 20.35
CA GLY C 28 15.60 5.04 21.57
C GLY C 28 14.45 4.68 22.51
N ARG C 29 14.48 5.29 23.69
CA ARG C 29 13.51 4.93 24.71
C ARG C 29 12.10 5.38 24.35
N HIS C 30 11.12 4.57 24.78
CA HIS C 30 9.68 4.86 24.73
C HIS C 30 9.06 4.73 23.35
N SER C 31 9.88 4.65 22.30
CA SER C 31 9.35 4.50 20.95
C SER C 31 8.57 3.20 20.86
N TYR C 32 7.40 3.26 20.19
CA TYR C 32 6.48 2.14 20.22
C TYR C 32 5.88 1.90 18.85
N TYR C 33 5.33 0.70 18.69
CA TYR C 33 4.70 0.26 17.47
C TYR C 33 3.26 -0.15 17.79
N SER C 34 2.31 0.36 16.99
CA SER C 34 0.89 0.13 17.26
C SER C 34 0.28 -0.91 16.32
N GLY C 35 1.06 -1.88 15.88
CA GLY C 35 0.53 -3.02 15.14
C GLY C 35 0.91 -4.31 15.81
N TYR C 36 1.29 -4.22 17.08
CA TYR C 36 1.82 -5.35 17.85
C TYR C 36 0.84 -6.51 17.96
N HIS C 40 2.87 -11.20 14.79
CA HIS C 40 3.41 -10.14 13.93
C HIS C 40 3.63 -8.85 14.73
N GLY C 41 4.91 -8.48 14.89
CA GLY C 41 5.28 -7.32 15.67
C GLY C 41 6.14 -6.33 14.89
N PHE C 42 6.93 -5.50 15.60
CA PHE C 42 7.69 -4.47 14.91
C PHE C 42 8.71 -5.07 13.96
N ASP C 43 9.25 -6.25 14.26
CA ASP C 43 10.27 -6.84 13.39
C ASP C 43 9.71 -7.11 11.99
N ASP C 44 8.41 -7.38 11.89
CA ASP C 44 7.79 -7.57 10.57
C ASP C 44 7.81 -6.30 9.74
N CYS C 45 7.99 -5.13 10.39
CA CYS C 45 8.09 -3.87 9.66
C CYS C 45 9.40 -3.71 8.92
N VAL C 46 10.45 -4.40 9.36
CA VAL C 46 11.80 -4.17 8.86
C VAL C 46 12.09 -5.22 7.80
N ARG C 47 12.38 -4.75 6.59
CA ARG C 47 12.43 -5.61 5.41
C ARG C 47 13.88 -5.77 4.96
N TYR C 48 14.34 -7.03 4.92
CA TYR C 48 15.59 -7.44 4.27
C TYR C 48 16.82 -7.13 5.11
N LEU C 49 16.68 -6.90 6.42
CA LEU C 49 17.80 -6.50 7.25
C LEU C 49 18.51 -7.74 7.79
N ASN C 50 19.79 -7.86 7.45
CA ASN C 50 20.58 -9.03 7.85
C ASN C 50 21.00 -8.89 9.31
N PRO C 51 20.62 -9.81 10.19
CA PRO C 51 20.98 -9.70 11.61
C PRO C 51 22.32 -10.33 12.00
N GLU C 52 23.09 -10.81 11.03
CA GLU C 52 24.33 -11.54 11.32
C GLU C 52 25.56 -10.83 10.77
N ARG C 53 25.41 -9.61 10.26
CA ARG C 53 26.51 -8.88 9.65
C ARG C 53 26.63 -7.51 10.30
N ASN C 54 27.84 -6.96 10.29
CA ASN C 54 28.07 -5.61 10.77
C ASN C 54 28.46 -4.64 9.66
N ASP C 55 28.46 -5.10 8.40
CA ASP C 55 28.80 -4.27 7.26
C ASP C 55 27.58 -3.95 6.41
N VAL C 56 26.39 -3.92 7.01
CA VAL C 56 25.17 -3.59 6.29
C VAL C 56 24.58 -2.31 6.87
N ASP C 57 23.73 -1.68 6.08
CA ASP C 57 23.00 -0.52 6.54
C ASP C 57 22.19 -0.88 7.77
N LYS C 58 22.23 -0.01 8.78
CA LYS C 58 21.45 -0.19 10.00
C LYS C 58 20.20 0.69 10.00
N LEU C 59 19.24 0.28 10.84
CA LEU C 59 18.04 1.05 11.10
C LEU C 59 18.16 1.70 12.47
N ILE C 60 18.13 3.03 12.49
CA ILE C 60 18.37 3.81 13.71
C ILE C 60 17.14 4.68 13.92
N ILE C 61 16.51 4.54 15.09
CA ILE C 61 15.25 5.20 15.40
C ILE C 61 15.42 5.95 16.71
N GLY C 62 15.07 7.22 16.71
CA GLY C 62 15.20 8.03 17.91
C GLY C 62 14.19 7.65 18.99
N SER C 63 14.35 8.29 20.14
CA SER C 63 13.40 8.14 21.23
C SER C 63 12.08 8.84 20.92
N PHE C 64 11.03 8.42 21.62
CA PHE C 64 9.71 9.04 21.58
C PHE C 64 9.08 9.04 20.18
N CYS C 65 9.39 8.02 19.38
CA CYS C 65 8.73 7.86 18.09
C CYS C 65 7.49 7.01 18.21
N SER C 66 6.54 7.27 17.31
CA SER C 66 5.29 6.53 17.22
C SER C 66 5.24 5.95 15.81
N VAL C 67 5.28 4.63 15.69
CA VAL C 67 5.26 3.95 14.40
C VAL C 67 3.91 3.26 14.22
N GLY C 68 3.19 3.65 13.16
CA GLY C 68 1.89 3.06 12.91
C GLY C 68 1.98 1.66 12.34
N SER C 69 0.85 0.97 12.48
CA SER C 69 0.72 -0.43 12.07
C SER C 69 1.12 -0.62 10.60
N GLY C 70 1.92 -1.64 10.34
CA GLY C 70 2.20 -2.00 8.96
C GLY C 70 3.18 -1.11 8.24
N ALA C 71 3.81 -0.16 8.93
CA ALA C 71 4.89 0.60 8.34
C ALA C 71 5.98 -0.36 7.81
N VAL C 72 6.74 0.11 6.83
CA VAL C 72 7.79 -0.70 6.22
C VAL C 72 9.07 0.13 6.16
N PHE C 73 10.17 -0.47 6.62
CA PHE C 73 11.51 0.13 6.55
C PHE C 73 12.31 -0.76 5.59
N MET C 74 12.56 -0.26 4.39
CA MET C 74 13.27 -1.03 3.38
C MET C 74 14.77 -0.97 3.65
N MET C 75 15.36 -2.13 3.94
CA MET C 75 16.80 -2.21 4.12
C MET C 75 17.41 -2.99 2.95
N ALA C 76 18.69 -3.32 3.06
CA ALA C 76 19.45 -4.06 2.06
C ALA C 76 19.66 -3.28 0.77
N GLY C 77 19.53 -1.95 0.81
CA GLY C 77 20.03 -1.13 -0.28
C GLY C 77 19.37 -1.49 -1.60
N ASN C 78 20.18 -1.70 -2.64
CA ASN C 78 19.62 -2.07 -3.94
C ASN C 78 19.32 -3.56 -4.05
N GLN C 79 19.50 -4.34 -2.98
CA GLN C 79 19.18 -5.76 -2.99
C GLN C 79 19.91 -6.50 -4.13
N GLY C 80 21.08 -5.98 -4.53
CA GLY C 80 21.88 -6.59 -5.56
C GLY C 80 21.47 -6.30 -6.99
N HIS C 81 20.45 -5.44 -7.20
CA HIS C 81 19.96 -5.09 -8.53
C HIS C 81 20.67 -3.84 -9.02
N ARG C 82 21.44 -3.97 -10.11
CA ARG C 82 22.10 -2.82 -10.73
C ARG C 82 21.25 -2.39 -11.94
N THR C 83 20.55 -1.26 -11.81
CA THR C 83 19.75 -0.78 -12.93
C THR C 83 20.63 -0.46 -14.13
N ASP C 84 21.89 -0.11 -13.89
CA ASP C 84 22.80 0.31 -14.94
C ASP C 84 23.49 -0.86 -15.65
N TRP C 85 23.38 -2.06 -15.12
CA TRP C 85 23.91 -3.25 -15.77
C TRP C 85 22.89 -3.80 -16.77
N VAL C 86 23.35 -4.66 -17.67
CA VAL C 86 22.50 -5.29 -18.68
C VAL C 86 21.18 -5.75 -18.08
N SER C 87 21.28 -6.47 -16.97
CA SER C 87 20.15 -7.07 -16.27
C SER C 87 20.16 -6.64 -14.81
N THR C 88 18.95 -6.52 -14.23
CA THR C 88 18.79 -6.31 -12.80
C THR C 88 18.76 -7.62 -12.03
N PHE C 89 18.85 -8.76 -12.71
CA PHE C 89 18.81 -10.05 -12.04
C PHE C 89 20.11 -10.26 -11.29
N PRO C 90 20.09 -10.50 -9.98
CA PRO C 90 21.37 -10.61 -9.21
C PRO C 90 22.06 -11.96 -9.43
N PHE C 91 22.73 -12.08 -10.59
CA PHE C 91 23.44 -13.32 -10.90
C PHE C 91 24.41 -13.71 -9.80
N PHE C 92 24.99 -12.72 -9.10
CA PHE C 92 26.02 -13.02 -8.09
C PHE C 92 25.43 -13.80 -6.93
N TYR C 93 24.15 -13.61 -6.63
CA TYR C 93 23.51 -14.23 -5.49
C TYR C 93 22.74 -15.49 -5.86
N GLN C 94 22.98 -16.02 -7.05
CA GLN C 94 22.42 -17.30 -7.46
C GLN C 94 23.50 -18.37 -7.33
N GLN C 95 23.16 -19.48 -6.68
CA GLN C 95 24.14 -20.51 -6.36
C GLN C 95 24.53 -21.32 -7.59
N ASN C 96 24.32 -20.75 -8.77
CA ASN C 96 24.48 -21.49 -10.02
C ASN C 96 25.96 -21.53 -10.41
N PRO C 97 26.49 -22.71 -10.76
CA PRO C 97 27.92 -22.78 -11.13
C PRO C 97 28.25 -22.04 -12.40
N ASN C 98 27.29 -21.89 -13.31
CA ASN C 98 27.54 -21.14 -14.54
C ASN C 98 27.76 -19.67 -14.28
N PHE C 99 27.20 -19.16 -13.19
CA PHE C 99 27.26 -17.73 -12.87
C PHE C 99 28.39 -17.41 -11.89
N SER C 100 29.46 -18.22 -11.91
CA SER C 100 30.53 -18.05 -10.93
C SER C 100 31.32 -16.76 -11.16
N GLU C 101 31.47 -16.32 -12.41
CA GLU C 101 32.20 -15.10 -12.69
C GLU C 101 31.32 -13.85 -12.54
N ALA C 102 30.14 -13.99 -11.96
CA ALA C 102 29.25 -12.85 -11.76
C ALA C 102 29.87 -11.86 -10.77
N LYS C 103 29.65 -10.59 -11.02
CA LYS C 103 30.11 -9.54 -10.13
C LYS C 103 28.99 -9.14 -9.17
N ASP C 104 29.38 -8.78 -7.96
CA ASP C 104 28.43 -8.42 -6.92
C ASP C 104 27.82 -7.06 -7.23
N GLY C 105 26.51 -7.03 -7.48
CA GLY C 105 25.79 -5.82 -7.76
C GLY C 105 25.26 -5.06 -6.55
N PHE C 106 25.51 -5.56 -5.35
CA PHE C 106 24.99 -4.92 -4.15
C PHE C 106 25.64 -3.54 -3.97
N VAL C 107 24.80 -2.54 -3.69
CA VAL C 107 25.24 -1.20 -3.33
C VAL C 107 24.56 -0.79 -2.03
N ARG C 108 25.36 -0.39 -1.04
CA ARG C 108 24.78 0.09 0.20
C ARG C 108 24.15 1.47 0.01
N ALA C 109 23.07 1.70 0.77
CA ALA C 109 22.37 2.98 0.74
C ALA C 109 22.77 3.89 1.89
N GLY C 110 23.49 3.38 2.88
CA GLY C 110 23.66 4.08 4.14
C GLY C 110 22.53 3.74 5.08
N ASP C 111 22.76 4.06 6.35
CA ASP C 111 21.79 3.78 7.40
C ASP C 111 20.48 4.52 7.14
N THR C 112 19.38 3.91 7.58
CA THR C 112 18.11 4.62 7.69
C THR C 112 18.06 5.23 9.08
N ARG C 113 17.85 6.55 9.15
N ARG C 113 17.86 6.54 9.15
CA ARG C 113 17.93 7.27 10.41
CA ARG C 113 17.93 7.28 10.42
C ARG C 113 16.61 8.00 10.65
C ARG C 113 16.60 7.99 10.64
N ILE C 114 15.87 7.57 11.66
CA ILE C 114 14.65 8.21 12.08
C ILE C 114 14.99 9.03 13.32
N GLY C 115 14.65 10.31 13.31
CA GLY C 115 14.99 11.17 14.42
C GLY C 115 14.11 10.92 15.63
N HIS C 116 14.19 11.83 16.60
CA HIS C 116 13.37 11.75 17.79
C HIS C 116 12.01 12.38 17.53
N ASP C 117 11.00 11.94 18.28
CA ASP C 117 9.65 12.51 18.24
C ASP C 117 9.08 12.53 16.81
N VAL C 118 9.22 11.40 16.12
CA VAL C 118 8.75 11.25 14.75
C VAL C 118 7.54 10.33 14.75
N TRP C 119 6.51 10.78 14.07
CA TRP C 119 5.26 10.03 13.94
C TRP C 119 5.23 9.45 12.52
N ILE C 120 5.27 8.12 12.41
CA ILE C 120 5.22 7.44 11.11
C ILE C 120 3.83 6.85 10.95
N GLY C 121 3.11 7.35 9.95
CA GLY C 121 1.75 6.91 9.74
C GLY C 121 1.68 5.45 9.32
N SER C 122 0.50 4.86 9.57
CA SER C 122 0.26 3.47 9.23
C SER C 122 0.61 3.18 7.77
N GLU C 123 1.35 2.09 7.56
CA GLU C 123 1.68 1.55 6.23
C GLU C 123 2.47 2.54 5.35
N ALA C 124 3.12 3.53 5.94
CA ALA C 124 4.15 4.25 5.20
C ALA C 124 5.31 3.30 4.90
N MET C 125 6.00 3.59 3.81
CA MET C 125 7.21 2.85 3.43
C MET C 125 8.37 3.82 3.39
N ILE C 126 9.45 3.49 4.11
CA ILE C 126 10.66 4.30 4.16
C ILE C 126 11.71 3.61 3.30
N MET C 127 12.15 4.29 2.25
CA MET C 127 13.09 3.68 1.31
C MET C 127 14.49 3.66 1.94
N PRO C 128 15.42 2.88 1.41
CA PRO C 128 16.74 2.76 2.06
C PRO C 128 17.52 4.05 2.05
N GLY C 129 18.31 4.25 3.11
CA GLY C 129 19.23 5.36 3.20
C GLY C 129 18.61 6.69 3.61
N VAL C 130 17.33 6.71 3.92
CA VAL C 130 16.62 7.96 4.16
C VAL C 130 16.90 8.40 5.59
N THR C 131 17.03 9.72 5.77
CA THR C 131 17.11 10.36 7.08
C THR C 131 15.84 11.18 7.28
N ILE C 132 15.18 11.00 8.43
CA ILE C 132 13.96 11.74 8.77
C ILE C 132 14.24 12.56 10.03
N GLY C 133 14.11 13.88 9.93
CA GLY C 133 14.52 14.75 11.01
C GLY C 133 13.61 14.67 12.22
N ASP C 134 14.14 15.17 13.35
CA ASP C 134 13.37 15.22 14.59
C ASP C 134 12.03 15.89 14.35
N GLY C 135 11.00 15.38 15.01
CA GLY C 135 9.71 16.06 15.01
C GLY C 135 8.92 15.88 13.73
N ALA C 136 9.43 15.14 12.76
CA ALA C 136 8.73 15.01 11.49
C ALA C 136 7.46 14.19 11.64
N ILE C 137 6.57 14.33 10.66
CA ILE C 137 5.35 13.55 10.59
C ILE C 137 5.28 12.96 9.19
N ILE C 138 5.15 11.63 9.10
CA ILE C 138 5.04 10.91 7.83
C ILE C 138 3.59 10.44 7.71
N ALA C 139 2.87 10.94 6.72
CA ALA C 139 1.47 10.57 6.58
C ALA C 139 1.34 9.07 6.33
N SER C 140 0.20 8.51 6.72
CA SER C 140 -0.11 7.13 6.39
C SER C 140 0.01 6.89 4.89
N ARG C 141 0.63 5.77 4.54
CA ARG C 141 0.84 5.32 3.17
C ARG C 141 1.80 6.22 2.39
N ALA C 142 2.52 7.14 3.05
CA ALA C 142 3.56 7.86 2.34
C ALA C 142 4.67 6.88 1.92
N VAL C 143 5.30 7.18 0.80
CA VAL C 143 6.47 6.42 0.36
C VAL C 143 7.62 7.42 0.36
N VAL C 144 8.48 7.33 1.38
CA VAL C 144 9.50 8.35 1.63
C VAL C 144 10.75 7.96 0.87
N THR C 145 11.01 8.68 -0.23
CA THR C 145 12.12 8.36 -1.12
C THR C 145 13.31 9.28 -0.94
N LYS C 146 13.19 10.30 -0.08
CA LYS C 146 14.28 11.22 0.15
C LYS C 146 14.19 11.74 1.58
N ASP C 147 15.24 12.41 2.01
CA ASP C 147 15.31 12.90 3.37
C ASP C 147 14.15 13.83 3.70
N VAL C 148 13.75 13.82 4.96
CA VAL C 148 12.68 14.66 5.48
C VAL C 148 13.28 15.58 6.54
N ALA C 149 12.93 16.87 6.48
CA ALA C 149 13.53 17.87 7.34
C ALA C 149 12.94 17.84 8.76
N PRO C 150 13.67 18.35 9.75
CA PRO C 150 13.10 18.46 11.10
C PRO C 150 11.76 19.19 11.09
N TYR C 151 10.77 18.60 11.77
CA TYR C 151 9.43 19.14 11.94
C TYR C 151 8.68 19.33 10.62
N GLU C 152 9.11 18.62 9.58
CA GLU C 152 8.38 18.63 8.31
C GLU C 152 7.30 17.56 8.28
N VAL C 153 6.19 17.88 7.64
CA VAL C 153 5.07 16.98 7.43
C VAL C 153 5.05 16.63 5.95
N VAL C 154 5.14 15.34 5.62
CA VAL C 154 5.15 14.92 4.21
C VAL C 154 4.11 13.83 3.99
N GLY C 155 3.71 13.68 2.74
CA GLY C 155 2.82 12.59 2.40
C GLY C 155 2.86 12.35 0.91
N SER C 156 2.14 11.29 0.51
N SER C 156 2.13 11.30 0.51
CA SER C 156 1.96 10.87 -0.88
CA SER C 156 1.94 10.86 -0.87
C SER C 156 3.06 9.91 -1.31
C SER C 156 3.04 9.89 -1.30
N ASN C 157 3.03 9.51 -2.58
CA ASN C 157 3.90 8.46 -3.11
C ASN C 157 4.37 8.90 -4.49
N PRO C 158 5.62 9.39 -4.61
CA PRO C 158 6.63 9.59 -3.55
C PRO C 158 6.27 10.72 -2.58
N ALA C 159 6.75 10.66 -1.34
CA ALA C 159 6.37 11.69 -0.38
C ALA C 159 6.86 13.05 -0.81
N LYS C 160 6.06 14.08 -0.53
CA LYS C 160 6.39 15.45 -0.87
C LYS C 160 5.97 16.34 0.27
N HIS C 161 6.56 17.54 0.30
CA HIS C 161 6.33 18.48 1.38
C HIS C 161 4.87 18.87 1.48
N ILE C 162 4.34 18.85 2.71
CA ILE C 162 3.02 19.38 3.03
C ILE C 162 3.13 20.68 3.81
N LYS C 163 3.77 20.65 4.97
CA LYS C 163 3.92 21.82 5.81
C LYS C 163 5.03 21.56 6.81
N PHE C 164 5.33 22.57 7.62
CA PHE C 164 6.16 22.41 8.82
C PHE C 164 5.27 22.59 10.03
N ARG C 165 5.55 21.85 11.10
CA ARG C 165 4.69 21.93 12.28
C ARG C 165 4.85 23.26 13.01
N PHE C 166 6.02 23.90 12.90
CA PHE C 166 6.30 25.11 13.65
C PHE C 166 7.08 26.09 12.78
N SER C 167 7.19 27.32 13.27
CA SER C 167 7.94 28.35 12.57
C SER C 167 9.43 28.06 12.67
N PRO C 168 10.24 28.66 11.78
CA PRO C 168 11.68 28.42 11.86
C PRO C 168 12.28 28.83 13.21
N GLN C 169 11.75 29.89 13.83
CA GLN C 169 12.24 30.29 15.14
C GLN C 169 11.91 29.23 16.20
N GLU C 170 10.68 28.70 16.17
CA GLU C 170 10.32 27.64 17.09
C GLU C 170 11.17 26.39 16.88
N ILE C 171 11.47 26.05 15.62
CA ILE C 171 12.26 24.85 15.36
C ILE C 171 13.68 25.03 15.89
N GLU C 172 14.26 26.21 15.70
CA GLU C 172 15.59 26.48 16.26
C GLU C 172 15.57 26.36 17.77
N MET C 173 14.48 26.81 18.41
CA MET C 173 14.35 26.63 19.86
C MET C 173 14.33 25.15 20.24
N LEU C 174 13.58 24.33 19.49
CA LEU C 174 13.49 22.92 19.81
C LEU C 174 14.81 22.19 19.57
N GLN C 175 15.56 22.60 18.55
CA GLN C 175 16.83 21.94 18.29
C GLN C 175 17.88 22.32 19.35
N GLU C 176 17.72 23.49 19.99
CA GLU C 176 18.57 23.84 21.12
C GLU C 176 18.28 22.96 22.33
N MET C 177 17.01 22.80 22.67
CA MET C 177 16.67 22.26 23.98
C MET C 177 16.62 20.74 24.01
N GLN C 178 16.38 20.09 22.89
CA GLN C 178 16.43 18.62 22.77
C GLN C 178 15.79 17.96 23.99
N TRP C 179 14.48 18.17 24.11
CA TRP C 179 13.78 17.70 25.31
C TRP C 179 13.83 16.18 25.44
N TRP C 180 13.99 15.45 24.34
CA TRP C 180 14.07 14.00 24.38
C TRP C 180 15.30 13.51 25.14
N GLN C 181 16.28 14.40 25.35
CA GLN C 181 17.46 14.10 26.17
C GLN C 181 17.20 14.24 27.66
N TRP C 182 16.14 14.93 28.05
CA TRP C 182 15.84 15.08 29.47
C TRP C 182 15.35 13.76 30.03
N SER C 183 15.38 13.65 31.35
CA SER C 183 14.85 12.46 31.99
C SER C 183 13.33 12.48 31.94
N ASP C 184 12.72 11.30 32.10
CA ASP C 184 11.28 11.24 32.27
C ASP C 184 10.82 12.10 33.43
N GLU C 185 11.63 12.19 34.49
CA GLU C 185 11.28 12.99 35.66
C GLU C 185 11.24 14.48 35.32
N GLN C 186 12.24 14.96 34.56
CA GLN C 186 12.22 16.35 34.12
C GLN C 186 11.06 16.63 33.18
N LEU C 187 10.81 15.74 32.21
CA LEU C 187 9.67 15.92 31.33
C LEU C 187 8.38 16.00 32.14
N GLY C 188 8.30 15.23 33.22
CA GLY C 188 7.15 15.31 34.10
C GLY C 188 6.93 16.72 34.63
N GLN C 189 8.02 17.44 34.92
CA GLN C 189 7.91 18.75 35.53
C GLN C 189 7.45 19.83 34.55
N CYS C 190 7.42 19.55 33.24
CA CYS C 190 6.96 20.52 32.27
C CYS C 190 5.87 19.96 31.38
N MET C 191 5.18 18.92 31.85
CA MET C 191 4.22 18.22 31.02
C MET C 191 3.10 19.14 30.53
N ALA C 192 2.72 20.13 31.35
CA ALA C 192 1.71 21.09 30.88
C ALA C 192 2.20 21.84 29.65
N LEU C 193 3.49 22.17 29.61
CA LEU C 193 4.07 22.81 28.44
C LEU C 193 4.27 21.81 27.29
N MET C 194 4.67 20.57 27.60
CA MET C 194 4.86 19.56 26.55
C MET C 194 3.55 19.29 25.83
N CYS C 195 2.45 19.33 26.56
CA CYS C 195 1.14 19.11 25.95
C CYS C 195 0.50 20.44 25.56
N SER C 196 1.26 21.26 24.85
CA SER C 196 0.78 22.57 24.45
C SER C 196 1.52 23.00 23.19
N ALA C 197 1.06 24.11 22.60
CA ALA C 197 1.75 24.71 21.48
C ALA C 197 2.75 25.78 21.92
N ASP C 198 2.98 25.91 23.23
CA ASP C 198 3.78 27.01 23.79
C ASP C 198 5.27 26.70 23.75
N ILE C 199 5.79 26.57 22.51
CA ILE C 199 7.22 26.29 22.31
C ILE C 199 8.08 27.34 23.01
N GLU C 200 7.72 28.62 22.83
CA GLU C 200 8.47 29.70 23.47
C GLU C 200 8.46 29.56 24.99
N GLY C 201 7.32 29.12 25.54
CA GLY C 201 7.24 28.90 26.97
C GLY C 201 8.15 27.77 27.44
N LEU C 202 8.20 26.69 26.68
CA LEU C 202 9.06 25.56 27.05
C LEU C 202 10.53 25.94 26.96
N TYR C 203 10.88 26.79 25.99
CA TYR C 203 12.27 27.23 25.84
C TYR C 203 12.70 28.05 27.05
N LEU C 204 11.82 28.91 27.55
CA LEU C 204 12.16 29.72 28.72
C LEU C 204 12.25 28.87 29.98
N TRP C 205 11.33 27.92 30.14
CA TRP C 205 11.43 26.96 31.23
C TRP C 205 12.76 26.21 31.20
N TRP C 206 13.16 25.73 30.02
CA TRP C 206 14.43 25.02 29.89
C TRP C 206 15.61 25.91 30.24
N LYS C 207 15.60 27.15 29.75
CA LYS C 207 16.67 28.07 30.05
C LYS C 207 16.83 28.23 31.56
N GLN C 208 15.71 28.32 32.29
CA GLN C 208 15.80 28.51 33.73
C GLN C 208 16.32 27.27 34.44
N SER C 209 16.12 26.08 33.85
CA SER C 209 16.57 24.85 34.50
C SER C 209 18.08 24.66 34.41
N GLN C 210 18.77 25.40 33.54
CA GLN C 210 20.19 25.19 33.32
C GLN C 210 21.02 26.00 34.30
C1 EDO D . -12.03 -4.14 -5.68
O1 EDO D . -13.06 -4.93 -5.07
C2 EDO D . -10.69 -4.86 -5.73
O2 EDO D . -9.79 -4.17 -6.63
CL CL E . 0.28 4.99 -2.89
C1 EDO F . 12.29 -3.57 -4.22
O1 EDO F . 11.74 -2.74 -3.18
C2 EDO F . 12.04 -5.04 -3.92
O2 EDO F . 12.46 -5.82 -5.05
C1 EDO G . 0.12 6.13 12.63
O1 EDO G . 0.33 6.01 14.04
C2 EDO G . -1.22 5.53 12.23
O2 EDO G . -1.74 6.23 11.09
#